data_5A78
#
_entry.id   5A78
#
_cell.length_a   48.573
_cell.length_b   95.079
_cell.length_c   52.145
_cell.angle_alpha   90.00
_cell.angle_beta   103.71
_cell.angle_gamma   90.00
#
_symmetry.space_group_name_H-M   'P 1 21 1'
#
loop_
_entity.id
_entity.type
_entity.pdbx_description
1 polymer 'DNA ENDONUCLEASE I-CVUI'
2 polymer "24MER DNA, 5'-D(*TP*CP*AP*AP*AP*AP*CP*GP*TP*CP*GP*TP*AP *CP*GP*AP*CP*GP*TP*TP*TP*TP*GP*A)-3'"
3 non-polymer 'MAGNESIUM ION'
4 water water
#
loop_
_entity_poly.entity_id
_entity_poly.type
_entity_poly.pdbx_seq_one_letter_code
_entity_poly.pdbx_strand_id
1 'polypeptide(L)'
;AQPTNFHDQLKFAWLAGFVDADGCINAQIVSREDYLLKYQVRVSLTVFQSTTQHFILLDIQKILGCGTVRKRNDGMSEFC
VVGGTSLQTTLEKLLPYLQLKRAQAKLVLQIIKKLPNTKDPSVLMEAALLADKVGLLTDGKKRTILAENVRECLKKLGHV
VSAALEHHHHHH
;
A,B
2 'polydeoxyribonucleotide'
;(DT)(DC)(DA)(DA)(DA)(DA)(DC)(DG)(DT)(DC)(DG)(DT)(DA)(DC)(DG)(DA)(DC)(DG)(DT)(DT)
(DT)(DT)(DG)(DA)
;
C,D
#
loop_
_chem_comp.id
_chem_comp.type
_chem_comp.name
_chem_comp.formula
DA DNA linking 2'-DEOXYADENOSINE-5'-MONOPHOSPHATE 'C10 H14 N5 O6 P'
DC DNA linking 2'-DEOXYCYTIDINE-5'-MONOPHOSPHATE 'C9 H14 N3 O7 P'
DG DNA linking 2'-DEOXYGUANOSINE-5'-MONOPHOSPHATE 'C10 H14 N5 O7 P'
DT DNA linking THYMIDINE-5'-MONOPHOSPHATE 'C10 H15 N2 O8 P'
MG non-polymer 'MAGNESIUM ION' 'Mg 2'
#
# COMPACT_ATOMS: atom_id res chain seq x y z
N ASN A 5 -12.91 19.55 -10.70
CA ASN A 5 -12.33 18.53 -11.55
C ASN A 5 -12.20 17.27 -10.75
N PHE A 6 -13.25 16.49 -10.89
CA PHE A 6 -13.52 15.21 -10.22
C PHE A 6 -12.50 14.09 -10.61
N HIS A 7 -11.67 14.34 -11.62
CA HIS A 7 -10.62 13.44 -12.08
C HIS A 7 -9.40 13.46 -11.11
N ASP A 8 -8.84 14.63 -10.86
CA ASP A 8 -8.03 14.90 -9.66
C ASP A 8 -8.55 14.24 -8.42
N GLN A 9 -9.87 14.35 -8.22
CA GLN A 9 -10.50 13.80 -7.04
C GLN A 9 -10.33 12.27 -7.09
N LEU A 10 -10.34 11.71 -8.30
CA LEU A 10 -10.14 10.28 -8.48
C LEU A 10 -8.69 9.82 -8.26
N LYS A 11 -7.78 10.71 -8.59
CA LYS A 11 -6.36 10.55 -8.51
C LYS A 11 -5.85 10.72 -7.09
N PHE A 12 -6.45 11.65 -6.37
CA PHE A 12 -6.20 11.98 -4.97
C PHE A 12 -6.68 10.83 -4.11
N ALA A 13 -7.88 10.32 -4.44
CA ALA A 13 -8.45 9.17 -3.76
C ALA A 13 -7.57 7.95 -3.96
N TRP A 14 -7.13 7.75 -5.19
CA TRP A 14 -6.22 6.65 -5.49
C TRP A 14 -4.98 6.83 -4.63
N LEU A 15 -4.39 8.02 -4.70
CA LEU A 15 -3.19 8.35 -3.91
C LEU A 15 -3.38 8.11 -2.41
N ALA A 16 -4.48 8.59 -1.85
CA ALA A 16 -4.76 8.37 -0.45
C ALA A 16 -4.79 6.88 -0.13
N GLY A 17 -5.30 6.08 -1.07
CA GLY A 17 -5.30 4.64 -0.95
C GLY A 17 -3.88 4.11 -0.90
N PHE A 18 -3.03 4.64 -1.74
CA PHE A 18 -1.64 4.22 -1.75
C PHE A 18 -0.92 4.64 -0.45
N VAL A 19 -0.94 5.94 -0.15
CA VAL A 19 -0.36 6.46 1.09
C VAL A 19 -0.82 5.65 2.33
N ASP A 20 -2.11 5.37 2.44
CA ASP A 20 -2.58 4.60 3.58
C ASP A 20 -1.93 3.23 3.67
N ALA A 21 -1.60 2.65 2.52
CA ALA A 21 -0.99 1.34 2.47
C ALA A 21 0.53 1.39 2.70
N ASP A 22 1.27 2.09 1.84
CA ASP A 22 2.73 2.09 1.93
C ASP A 22 3.29 3.51 2.02
N GLY A 23 2.67 4.31 2.88
CA GLY A 23 3.06 5.69 3.04
C GLY A 23 3.68 5.95 4.40
N CYS A 24 3.87 7.23 4.69
CA CYS A 24 4.46 7.64 5.95
C CYS A 24 4.18 9.10 6.12
N ILE A 25 3.20 9.42 6.94
CA ILE A 25 2.97 10.81 7.32
C ILE A 25 3.55 10.98 8.72
N ASN A 26 4.60 11.79 8.82
CA ASN A 26 5.43 11.74 10.02
C ASN A 26 5.96 13.11 10.46
N ALA A 27 6.42 13.15 11.70
CA ALA A 27 6.98 14.35 12.30
C ALA A 27 8.10 13.93 13.22
N GLN A 28 9.25 14.54 13.04
CA GLN A 28 10.50 14.06 13.60
C GLN A 28 11.28 15.20 14.30
N ILE A 29 11.98 14.88 15.38
CA ILE A 29 12.91 15.85 15.98
C ILE A 29 14.34 15.60 15.49
N VAL A 30 14.92 16.52 14.74
CA VAL A 30 16.30 16.32 14.35
C VAL A 30 17.15 17.39 15.00
N SER A 31 18.26 16.92 15.56
CA SER A 31 19.25 17.74 16.22
C SER A 31 20.09 18.51 15.20
N ARG A 32 19.97 19.82 15.19
CA ARG A 32 20.74 20.65 14.28
C ARG A 32 21.58 21.68 15.01
N GLU A 33 22.89 21.48 15.07
CA GLU A 33 23.79 22.18 15.98
C GLU A 33 23.87 23.68 15.73
N ASP A 34 23.65 24.09 14.49
CA ASP A 34 23.71 25.47 14.08
C ASP A 34 22.40 26.22 14.32
N TYR A 35 21.36 25.49 14.70
CA TYR A 35 20.14 26.12 15.24
C TYR A 35 20.43 26.72 16.61
N LEU A 36 19.85 27.87 16.91
CA LEU A 36 19.96 28.44 18.26
C LEU A 36 19.47 27.45 19.31
N LEU A 37 18.23 27.00 19.13
CA LEU A 37 17.57 26.01 19.98
C LEU A 37 17.95 24.54 19.68
N LYS A 38 18.99 24.35 18.88
CA LYS A 38 19.54 23.00 18.61
C LYS A 38 18.58 21.92 18.09
N TYR A 39 17.38 22.27 17.62
CA TYR A 39 16.39 21.24 17.23
C TYR A 39 15.37 21.76 16.22
N GLN A 40 15.20 20.98 15.15
CA GLN A 40 14.17 21.20 14.16
C GLN A 40 13.07 20.12 14.30
N VAL A 41 11.82 20.53 14.20
CA VAL A 41 10.74 19.57 14.04
C VAL A 41 10.48 19.40 12.54
N ARG A 42 10.95 18.29 11.99
CA ARG A 42 10.86 18.05 10.53
C ARG A 42 9.56 17.31 10.21
N VAL A 43 8.75 17.86 9.32
CA VAL A 43 7.52 17.21 8.90
C VAL A 43 7.64 16.66 7.46
N SER A 44 6.96 15.56 7.18
CA SER A 44 7.16 14.85 5.92
C SER A 44 6.04 13.92 5.53
N LEU A 45 5.79 13.84 4.22
CA LEU A 45 5.02 12.74 3.63
C LEU A 45 5.99 11.92 2.80
N THR A 46 5.88 10.60 2.87
CA THR A 46 6.82 9.76 2.15
C THR A 46 6.14 8.52 1.62
N VAL A 47 6.50 8.13 0.40
CA VAL A 47 5.91 6.97 -0.24
C VAL A 47 7.04 6.11 -0.83
N PHE A 48 6.99 4.80 -0.58
CA PHE A 48 8.05 3.89 -1.00
C PHE A 48 7.59 2.93 -2.08
N GLN A 49 8.47 2.68 -3.05
CA GLN A 49 8.34 1.53 -3.94
C GLN A 49 9.71 1.05 -4.28
N SER A 50 9.79 -0.21 -4.68
CA SER A 50 11.03 -0.77 -5.20
C SER A 50 11.44 0.04 -6.43
N THR A 51 12.73 0.14 -6.68
CA THR A 51 13.21 0.86 -7.86
C THR A 51 12.78 0.19 -9.16
N THR A 52 12.42 -1.10 -9.12
CA THR A 52 11.93 -1.79 -10.33
C THR A 52 10.70 -1.09 -10.87
N GLN A 53 9.96 -0.46 -9.97
CA GLN A 53 8.79 0.29 -10.32
C GLN A 53 8.93 1.74 -10.02
N HIS A 54 10.12 2.26 -10.28
CA HIS A 54 10.50 3.62 -9.86
C HIS A 54 9.57 4.64 -10.49
N PHE A 55 8.97 4.29 -11.62
CA PHE A 55 8.16 5.26 -12.36
C PHE A 55 6.94 5.76 -11.58
N ILE A 56 6.39 4.94 -10.69
CA ILE A 56 5.16 5.32 -10.01
C ILE A 56 5.38 6.50 -9.03
N LEU A 57 6.59 6.63 -8.47
CA LEU A 57 6.87 7.78 -7.61
C LEU A 57 6.92 9.09 -8.43
N LEU A 58 7.39 8.98 -9.67
CA LEU A 58 7.43 10.13 -10.57
C LEU A 58 6.02 10.56 -10.98
N ASP A 59 5.12 9.59 -11.14
CA ASP A 59 3.71 9.90 -11.41
C ASP A 59 3.09 10.58 -10.20
N ILE A 60 3.41 10.06 -9.03
CA ILE A 60 2.88 10.63 -7.81
C ILE A 60 3.30 12.09 -7.73
N GLN A 61 4.57 12.33 -8.07
CA GLN A 61 5.13 13.67 -8.07
C GLN A 61 4.39 14.56 -9.05
N LYS A 62 3.97 14.00 -10.17
CA LYS A 62 3.33 14.79 -11.21
C LYS A 62 1.93 15.20 -10.78
N ILE A 63 1.23 14.27 -10.14
CA ILE A 63 -0.11 14.52 -9.60
C ILE A 63 -0.12 15.65 -8.58
N LEU A 64 0.85 15.62 -7.67
CA LEU A 64 0.90 16.58 -6.57
C LEU A 64 1.53 17.90 -6.99
N GLY A 65 2.56 17.83 -7.84
CA GLY A 65 3.26 19.01 -8.29
C GLY A 65 4.34 19.49 -7.33
N CYS A 66 4.43 18.87 -6.15
CA CYS A 66 5.54 19.11 -5.23
C CYS A 66 6.42 17.88 -5.11
N GLY A 67 7.54 17.99 -4.42
CA GLY A 67 8.24 16.82 -3.92
C GLY A 67 9.39 16.25 -4.72
N THR A 68 10.35 15.66 -4.01
CA THR A 68 11.53 15.06 -4.61
C THR A 68 11.48 13.53 -4.74
N VAL A 69 12.03 13.03 -5.83
CA VAL A 69 12.18 11.60 -6.03
C VAL A 69 13.65 11.20 -5.96
N ARG A 70 13.95 10.14 -5.22
CA ARG A 70 15.33 9.64 -5.17
C ARG A 70 15.37 8.11 -5.13
N LYS A 71 16.41 7.57 -5.76
CA LYS A 71 16.81 6.19 -5.60
C LYS A 71 17.66 6.06 -4.35
N ARG A 72 17.50 4.97 -3.63
CA ARG A 72 18.21 4.69 -2.43
C ARG A 72 19.18 3.60 -2.83
N ASN A 73 20.21 3.35 -2.05
CA ASN A 73 21.26 2.49 -2.50
C ASN A 73 20.92 1.06 -2.22
N ASP A 74 19.66 0.80 -2.00
CA ASP A 74 19.28 -0.50 -1.49
C ASP A 74 18.28 -1.26 -2.31
N GLY A 75 17.82 -0.65 -3.38
CA GLY A 75 16.80 -1.25 -4.21
C GLY A 75 15.47 -0.53 -4.18
N MET A 76 15.32 0.42 -3.27
CA MET A 76 14.06 1.10 -3.13
C MET A 76 14.21 2.48 -3.62
N SER A 77 13.10 3.06 -3.99
CA SER A 77 13.02 4.50 -4.21
C SER A 77 11.98 5.13 -3.28
N GLU A 78 12.17 6.42 -3.02
CA GLU A 78 11.28 7.20 -2.18
C GLU A 78 10.75 8.43 -2.91
N PHE A 79 9.51 8.79 -2.67
CA PHE A 79 9.03 10.12 -3.04
C PHE A 79 8.81 10.91 -1.76
N CYS A 80 9.45 12.07 -1.63
CA CYS A 80 9.37 12.74 -0.35
C CYS A 80 8.89 14.19 -0.43
N VAL A 81 7.98 14.56 0.48
CA VAL A 81 7.51 15.93 0.57
C VAL A 81 7.80 16.46 1.96
N VAL A 82 8.78 17.36 2.06
CA VAL A 82 9.22 17.89 3.34
C VAL A 82 8.87 19.36 3.43
N GLY A 83 8.59 19.83 4.65
CA GLY A 83 8.37 21.24 4.88
C GLY A 83 6.93 21.68 4.84
N GLY A 84 6.60 22.66 5.68
CA GLY A 84 5.23 23.07 5.91
C GLY A 84 4.51 23.73 4.76
N THR A 85 5.18 24.62 4.04
CA THR A 85 4.54 25.37 2.97
C THR A 85 4.20 24.52 1.72
N SER A 86 4.69 23.30 1.62
CA SER A 86 4.27 22.44 0.51
C SER A 86 3.63 21.14 1.00
N LEU A 87 3.78 20.82 2.28
CA LEU A 87 3.18 19.61 2.82
C LEU A 87 1.77 19.91 3.34
N GLN A 88 1.47 21.17 3.56
CA GLN A 88 0.13 21.53 3.96
C GLN A 88 -0.77 21.46 2.75
N THR A 89 -0.27 22.02 1.66
CA THR A 89 -0.94 21.94 0.37
C THR A 89 -1.32 20.50 0.01
N THR A 90 -0.41 19.56 0.26
CA THR A 90 -0.63 18.18 -0.14
C THR A 90 -1.58 17.41 0.79
N LEU A 91 -1.42 17.61 2.10
CA LEU A 91 -2.25 16.92 3.08
C LEU A 91 -3.72 17.28 2.94
N GLU A 92 -4.00 18.56 2.66
CA GLU A 92 -5.38 18.98 2.48
C GLU A 92 -5.99 18.38 1.20
N LYS A 93 -5.13 17.82 0.37
CA LYS A 93 -5.60 17.15 -0.81
C LYS A 93 -6.03 15.74 -0.47
N LEU A 94 -5.22 15.06 0.29
CA LEU A 94 -5.55 13.73 0.65
C LEU A 94 -6.65 13.72 1.72
N LEU A 95 -6.52 14.58 2.70
CA LEU A 95 -7.30 14.50 3.91
C LEU A 95 -8.71 14.04 3.78
N PRO A 96 -9.43 14.44 2.75
CA PRO A 96 -10.78 13.88 2.68
C PRO A 96 -10.81 12.37 2.39
N TYR A 97 -9.76 11.83 1.77
CA TYR A 97 -9.78 10.43 1.38
C TYR A 97 -8.91 9.54 2.26
N LEU A 98 -8.05 10.11 3.05
CA LEU A 98 -7.31 9.25 3.89
C LEU A 98 -8.19 8.55 4.87
N GLN A 99 -7.74 7.42 5.34
CA GLN A 99 -8.45 6.59 6.30
C GLN A 99 -7.52 6.25 7.44
N LEU A 100 -6.61 5.33 7.14
CA LEU A 100 -5.68 4.76 8.09
C LEU A 100 -4.78 5.78 8.76
N LYS A 101 -4.42 6.84 8.04
CA LYS A 101 -3.49 7.81 8.58
C LYS A 101 -4.06 9.22 8.67
N ARG A 102 -5.38 9.35 8.73
CA ARG A 102 -5.97 10.68 8.79
C ARG A 102 -5.51 11.40 10.08
N ALA A 103 -5.26 10.62 11.12
CA ALA A 103 -4.81 11.16 12.41
C ALA A 103 -3.45 11.83 12.30
N GLN A 104 -2.51 11.19 11.61
CA GLN A 104 -1.20 11.79 11.42
C GLN A 104 -1.21 13.01 10.51
N ALA A 105 -2.14 13.11 9.60
CA ALA A 105 -2.21 14.33 8.81
C ALA A 105 -2.59 15.50 9.69
N LYS A 106 -3.70 15.36 10.41
CA LYS A 106 -4.20 16.39 11.32
C LYS A 106 -3.18 16.88 12.31
N LEU A 107 -2.50 15.94 12.96
CA LEU A 107 -1.47 16.30 13.92
C LEU A 107 -0.38 17.10 13.23
N VAL A 108 0.12 16.58 12.12
CA VAL A 108 1.16 17.23 11.32
C VAL A 108 0.68 18.60 10.82
N LEU A 109 -0.60 18.74 10.51
CA LEU A 109 -1.11 20.06 10.10
C LEU A 109 -1.12 21.03 11.29
N GLN A 110 -1.37 20.51 12.49
CA GLN A 110 -1.30 21.28 13.71
C GLN A 110 0.16 21.61 14.05
N ILE A 111 1.09 20.81 13.55
CA ILE A 111 2.50 21.11 13.74
C ILE A 111 2.89 22.25 12.80
N ILE A 112 2.42 22.15 11.57
CA ILE A 112 2.79 23.12 10.54
C ILE A 112 2.31 24.50 10.93
N LYS A 113 1.17 24.58 11.61
CA LYS A 113 0.65 25.87 12.02
C LYS A 113 1.65 26.62 12.93
N LYS A 114 2.52 25.88 13.60
CA LYS A 114 3.42 26.45 14.59
C LYS A 114 4.82 26.75 14.06
N LEU A 115 5.27 25.97 13.07
CA LEU A 115 6.61 26.11 12.51
C LEU A 115 7.06 27.54 12.17
N PRO A 116 6.18 28.39 11.59
CA PRO A 116 6.55 29.79 11.39
C PRO A 116 7.14 30.47 12.63
N ASN A 117 6.71 30.05 13.81
CA ASN A 117 7.08 30.69 15.06
C ASN A 117 8.01 29.83 15.93
N THR A 118 8.83 29.02 15.27
CA THR A 118 9.58 27.98 15.96
C THR A 118 10.88 28.47 16.59
N LYS A 119 11.31 29.71 16.29
CA LYS A 119 12.39 30.34 17.06
C LYS A 119 12.01 30.50 18.54
N ASP A 120 10.74 30.82 18.80
CA ASP A 120 10.24 30.92 20.17
C ASP A 120 10.36 29.55 20.85
N PRO A 121 11.09 29.49 21.98
CA PRO A 121 11.35 28.23 22.68
C PRO A 121 10.07 27.52 23.13
N SER A 122 9.12 28.25 23.70
CA SER A 122 7.88 27.57 24.08
C SER A 122 7.13 27.09 22.83
N VAL A 123 7.22 27.80 21.71
CA VAL A 123 6.50 27.36 20.53
C VAL A 123 7.15 26.10 19.94
N LEU A 124 8.48 26.09 19.87
CA LEU A 124 9.20 24.88 19.49
C LEU A 124 8.83 23.72 20.40
N MET A 125 8.71 24.03 21.69
CA MET A 125 8.55 23.02 22.73
C MET A 125 7.24 22.27 22.55
N GLU A 126 6.23 23.00 22.09
CA GLU A 126 4.91 22.45 21.87
C GLU A 126 4.81 21.67 20.54
N ALA A 127 5.52 22.14 19.53
CA ALA A 127 5.67 21.38 18.29
C ALA A 127 6.39 20.07 18.59
N ALA A 128 7.33 20.13 19.53
CA ALA A 128 8.05 18.94 19.95
C ALA A 128 7.11 17.92 20.58
N LEU A 129 6.29 18.35 21.56
CA LEU A 129 5.33 17.43 22.20
C LEU A 129 4.35 16.87 21.17
N LEU A 130 4.06 17.65 20.12
CA LEU A 130 3.12 17.20 19.10
C LEU A 130 3.72 16.06 18.26
N ALA A 131 4.98 16.22 17.83
CA ALA A 131 5.68 15.22 17.03
C ALA A 131 5.75 13.85 17.71
N ASP A 132 5.90 13.86 19.04
CA ASP A 132 5.92 12.60 19.80
C ASP A 132 4.62 11.83 19.71
N LYS A 133 3.49 12.53 19.57
CA LYS A 133 2.21 11.85 19.47
C LYS A 133 1.99 11.30 18.06
N VAL A 134 2.66 11.90 17.08
CA VAL A 134 2.71 11.33 15.74
C VAL A 134 3.60 10.10 15.79
N GLY A 135 4.45 10.05 16.80
CA GLY A 135 5.34 8.91 17.02
C GLY A 135 4.66 7.73 17.66
N LEU A 136 3.59 8.02 18.42
CA LEU A 136 2.82 6.94 19.05
C LEU A 136 1.81 6.32 18.08
N LEU A 137 1.77 6.81 16.85
CA LEU A 137 0.89 6.31 15.86
C LEU A 137 1.65 5.60 14.77
N THR A 138 2.96 5.58 14.88
CA THR A 138 3.76 4.95 13.88
C THR A 138 4.33 3.68 14.40
N ASP A 139 4.12 2.63 13.64
CA ASP A 139 4.49 1.30 14.04
C ASP A 139 5.95 1.34 14.36
N GLY A 140 6.55 2.49 14.16
CA GLY A 140 7.99 2.59 14.31
C GLY A 140 8.42 2.71 15.76
N LYS A 141 9.68 2.39 16.03
CA LYS A 141 10.22 2.48 17.38
C LYS A 141 11.71 2.82 17.42
N LYS A 142 12.03 3.63 16.45
CA LYS A 142 13.37 3.92 16.13
C LYS A 142 13.76 5.17 16.82
N ARG A 143 12.79 5.96 17.29
CA ARG A 143 13.14 7.30 17.71
C ARG A 143 13.79 7.47 19.05
N THR A 144 14.86 8.24 19.01
CA THR A 144 15.81 8.35 20.06
C THR A 144 15.79 9.77 20.54
N ILE A 145 14.94 10.61 19.97
CA ILE A 145 14.88 11.98 20.39
C ILE A 145 13.45 12.30 20.69
N LEU A 146 13.16 12.61 21.95
CA LEU A 146 11.81 12.84 22.35
C LEU A 146 11.54 14.26 22.79
N ALA A 147 10.29 14.69 22.75
CA ALA A 147 9.96 16.06 23.14
C ALA A 147 10.65 16.46 24.42
N GLU A 148 10.88 15.49 25.30
CA GLU A 148 11.72 15.75 26.45
C GLU A 148 13.04 16.29 25.90
N ASN A 149 13.70 15.55 25.00
CA ASN A 149 15.04 15.91 24.55
C ASN A 149 15.20 17.36 24.09
N VAL A 150 14.10 18.03 23.75
CA VAL A 150 14.17 19.44 23.43
C VAL A 150 14.16 20.24 24.74
N ARG A 151 13.56 19.68 25.80
CA ARG A 151 13.34 20.43 27.02
C ARG A 151 14.57 20.56 27.95
N GLU A 152 15.30 19.46 28.25
CA GLU A 152 16.50 19.62 29.06
C GLU A 152 17.41 20.63 28.39
N CYS A 153 17.51 20.50 27.08
CA CYS A 153 18.42 21.30 26.28
C CYS A 153 17.96 22.76 26.20
N LEU A 154 16.65 22.99 26.05
CA LEU A 154 16.14 24.35 26.08
C LEU A 154 16.39 24.93 27.46
N LYS A 155 16.10 24.15 28.49
CA LYS A 155 16.35 24.50 29.88
C LYS A 155 17.78 24.92 30.06
N LYS A 156 18.69 24.08 29.56
CA LYS A 156 20.12 24.26 29.74
C LYS A 156 20.66 25.44 28.94
N LEU A 157 19.96 25.81 27.87
CA LEU A 157 20.27 27.04 27.14
C LEU A 157 19.78 28.26 27.91
N GLY A 158 19.19 28.01 29.08
CA GLY A 158 18.81 29.11 29.95
C GLY A 158 17.47 29.71 29.55
N HIS A 159 16.73 28.99 28.71
CA HIS A 159 15.39 29.40 28.31
C HIS A 159 14.35 28.89 29.30
N VAL A 160 13.20 29.56 29.32
CA VAL A 160 12.09 29.25 30.21
C VAL A 160 10.89 28.74 29.38
N VAL A 161 10.23 27.70 29.88
CA VAL A 161 9.13 27.07 29.14
C VAL A 161 7.87 26.87 29.97
N ASN B 5 -22.65 6.39 -6.66
CA ASN B 5 -22.26 6.47 -8.06
C ASN B 5 -20.86 7.04 -8.14
N PHE B 6 -20.79 8.35 -8.35
CA PHE B 6 -19.51 9.06 -8.41
C PHE B 6 -18.82 8.89 -7.05
N HIS B 7 -19.64 8.71 -6.02
CA HIS B 7 -19.16 8.41 -4.68
C HIS B 7 -18.54 7.01 -4.62
N ASP B 8 -19.24 6.04 -5.21
CA ASP B 8 -18.76 4.66 -5.24
C ASP B 8 -17.44 4.56 -6.00
N GLN B 9 -17.25 5.47 -6.96
CA GLN B 9 -16.02 5.46 -7.75
C GLN B 9 -14.83 5.95 -6.95
N LEU B 10 -15.06 6.86 -6.01
CA LEU B 10 -13.97 7.38 -5.18
C LEU B 10 -13.47 6.31 -4.21
N LYS B 11 -14.35 5.42 -3.76
CA LYS B 11 -13.94 4.31 -2.89
C LYS B 11 -13.21 3.22 -3.66
N PHE B 12 -13.65 2.97 -4.89
CA PHE B 12 -12.97 1.99 -5.74
C PHE B 12 -11.58 2.51 -6.13
N ALA B 13 -11.47 3.82 -6.34
CA ALA B 13 -10.17 4.42 -6.64
C ALA B 13 -9.24 4.36 -5.43
N TRP B 14 -9.78 4.65 -4.25
CA TRP B 14 -9.02 4.52 -3.00
C TRP B 14 -8.60 3.07 -2.83
N LEU B 15 -9.52 2.16 -3.11
CA LEU B 15 -9.26 0.74 -2.92
C LEU B 15 -8.23 0.24 -3.91
N ALA B 16 -8.37 0.66 -5.16
CA ALA B 16 -7.36 0.35 -6.14
C ALA B 16 -6.02 0.88 -5.64
N GLY B 17 -6.06 2.13 -5.13
CA GLY B 17 -4.88 2.74 -4.56
C GLY B 17 -4.25 1.81 -3.56
N PHE B 18 -5.08 1.26 -2.67
CA PHE B 18 -4.59 0.42 -1.57
C PHE B 18 -4.03 -0.92 -2.04
N VAL B 19 -4.81 -1.62 -2.87
CA VAL B 19 -4.36 -2.86 -3.47
C VAL B 19 -2.99 -2.67 -4.17
N ASP B 20 -2.84 -1.59 -4.92
CA ASP B 20 -1.60 -1.39 -5.68
C ASP B 20 -0.36 -1.41 -4.77
N ALA B 21 -0.52 -1.01 -3.51
CA ALA B 21 0.60 -0.97 -2.60
C ALA B 21 0.64 -2.20 -1.69
N ASP B 22 -0.51 -2.68 -1.26
CA ASP B 22 -0.51 -3.89 -0.41
C ASP B 22 -1.25 -5.11 -0.94
N GLY B 23 -1.85 -5.00 -2.12
CA GLY B 23 -2.65 -6.09 -2.61
C GLY B 23 -1.81 -7.25 -3.11
N CYS B 24 -2.51 -8.26 -3.62
CA CYS B 24 -1.90 -9.41 -4.23
C CYS B 24 -2.95 -9.99 -5.14
N ILE B 25 -2.78 -9.73 -6.43
CA ILE B 25 -3.63 -10.33 -7.46
C ILE B 25 -2.87 -11.50 -8.08
N ASN B 26 -3.28 -12.71 -7.74
CA ASN B 26 -2.44 -13.87 -8.06
C ASN B 26 -3.16 -15.01 -8.77
N ALA B 27 -2.36 -15.99 -9.19
CA ALA B 27 -2.86 -17.18 -9.84
C ALA B 27 -1.86 -18.29 -9.58
N GLN B 28 -2.23 -19.20 -8.70
CA GLN B 28 -1.39 -20.33 -8.33
C GLN B 28 -1.92 -21.64 -8.89
N ILE B 29 -1.02 -22.59 -9.08
CA ILE B 29 -1.39 -23.95 -9.39
C ILE B 29 -1.39 -24.77 -8.09
N VAL B 30 -2.56 -25.17 -7.58
CA VAL B 30 -2.53 -25.97 -6.37
C VAL B 30 -2.83 -27.42 -6.71
N SER B 31 -2.01 -28.31 -6.18
CA SER B 31 -2.28 -29.71 -6.34
C SER B 31 -3.47 -30.05 -5.44
N ARG B 32 -4.33 -30.93 -5.94
CA ARG B 32 -5.53 -31.39 -5.34
C ARG B 32 -5.66 -32.84 -5.70
N GLU B 33 -5.42 -33.73 -4.76
CA GLU B 33 -5.36 -35.14 -5.12
C GLU B 33 -6.75 -35.73 -5.35
N ASP B 34 -7.82 -35.03 -5.05
CA ASP B 34 -9.12 -35.61 -5.35
C ASP B 34 -9.57 -35.21 -6.75
N TYR B 35 -8.82 -34.35 -7.37
CA TYR B 35 -9.13 -33.91 -8.74
C TYR B 35 -8.78 -35.00 -9.77
N LEU B 36 -9.63 -35.15 -10.79
CA LEU B 36 -9.31 -36.02 -11.92
C LEU B 36 -7.97 -35.69 -12.55
N LEU B 37 -7.72 -34.40 -12.78
CA LEU B 37 -6.49 -33.92 -13.42
C LEU B 37 -5.41 -33.48 -12.42
N LYS B 38 -5.64 -33.75 -11.14
CA LYS B 38 -4.65 -33.52 -10.08
C LYS B 38 -4.35 -32.05 -9.76
N TYR B 39 -4.80 -31.11 -10.60
CA TYR B 39 -4.49 -29.70 -10.33
C TYR B 39 -5.68 -28.76 -10.51
N GLN B 40 -5.65 -27.71 -9.70
CA GLN B 40 -6.57 -26.58 -9.75
C GLN B 40 -5.75 -25.30 -9.99
N VAL B 41 -6.28 -24.39 -10.78
CA VAL B 41 -5.64 -23.09 -10.92
C VAL B 41 -6.48 -22.10 -10.11
N ARG B 42 -5.90 -21.58 -9.04
CA ARG B 42 -6.62 -20.73 -8.12
C ARG B 42 -6.40 -19.27 -8.48
N VAL B 43 -7.48 -18.50 -8.58
CA VAL B 43 -7.38 -17.07 -8.77
C VAL B 43 -7.77 -16.36 -7.47
N SER B 44 -7.11 -15.25 -7.14
CA SER B 44 -7.34 -14.57 -5.88
C SER B 44 -6.84 -13.14 -5.83
N LEU B 45 -7.60 -12.29 -5.15
CA LEU B 45 -7.16 -10.95 -4.77
C LEU B 45 -7.10 -10.87 -3.25
N THR B 46 -5.91 -10.59 -2.73
CA THR B 46 -5.71 -10.59 -1.30
C THR B 46 -5.11 -9.24 -0.87
N VAL B 47 -5.53 -8.74 0.27
CA VAL B 47 -5.05 -7.46 0.79
C VAL B 47 -4.61 -7.67 2.24
N PHE B 48 -3.42 -7.18 2.57
CA PHE B 48 -2.80 -7.47 3.86
C PHE B 48 -2.87 -6.31 4.80
N GLN B 49 -3.05 -6.62 6.08
CA GLN B 49 -3.01 -5.61 7.11
C GLN B 49 -2.63 -6.24 8.44
N SER B 50 -1.94 -5.44 9.26
CA SER B 50 -1.67 -5.84 10.63
C SER B 50 -2.99 -5.91 11.39
N THR B 51 -3.13 -6.95 12.21
CA THR B 51 -4.34 -7.14 12.99
C THR B 51 -4.59 -5.96 13.92
N THR B 52 -3.57 -5.12 14.14
CA THR B 52 -3.73 -3.89 14.93
C THR B 52 -4.90 -3.12 14.37
N GLN B 53 -5.00 -3.12 13.04
CA GLN B 53 -5.95 -2.29 12.34
C GLN B 53 -6.80 -3.18 11.46
N HIS B 54 -7.19 -4.30 12.07
CA HIS B 54 -8.00 -5.34 11.43
C HIS B 54 -9.31 -4.75 10.93
N PHE B 55 -9.77 -3.69 11.59
CA PHE B 55 -11.02 -3.05 11.20
C PHE B 55 -10.93 -2.68 9.75
N ILE B 56 -9.75 -2.33 9.28
CA ILE B 56 -9.72 -1.97 7.88
C ILE B 56 -10.03 -3.18 7.00
N LEU B 57 -9.93 -4.41 7.49
CA LEU B 57 -10.22 -5.31 6.40
C LEU B 57 -11.73 -5.49 6.18
N LEU B 58 -12.52 -5.23 7.21
CA LEU B 58 -13.94 -5.40 7.12
C LEU B 58 -14.53 -4.33 6.30
N ASP B 59 -13.90 -3.18 6.26
CA ASP B 59 -14.31 -2.09 5.39
C ASP B 59 -14.25 -2.36 3.90
N ILE B 60 -13.25 -3.09 3.47
CA ILE B 60 -13.08 -3.38 2.08
C ILE B 60 -14.11 -4.38 1.60
N GLN B 61 -14.43 -5.31 2.48
CA GLN B 61 -15.41 -6.33 2.32
C GLN B 61 -16.74 -5.66 2.13
N LYS B 62 -17.00 -4.67 2.97
CA LYS B 62 -18.21 -3.87 2.90
C LYS B 62 -18.29 -3.21 1.53
N ILE B 63 -17.24 -2.47 1.17
CA ILE B 63 -17.16 -1.76 -0.11
C ILE B 63 -17.31 -2.67 -1.33
N LEU B 64 -16.84 -3.92 -1.21
CA LEU B 64 -16.82 -4.84 -2.34
C LEU B 64 -18.02 -5.78 -2.35
N GLY B 65 -18.50 -6.15 -1.16
CA GLY B 65 -19.65 -7.03 -1.01
C GLY B 65 -19.30 -8.51 -1.01
N CYS B 66 -18.02 -8.80 -1.23
CA CYS B 66 -17.54 -10.17 -1.27
C CYS B 66 -16.34 -10.32 -0.35
N GLY B 67 -15.87 -11.55 -0.17
CA GLY B 67 -14.58 -11.79 0.46
C GLY B 67 -14.56 -12.31 1.88
N THR B 68 -13.43 -12.93 2.23
CA THR B 68 -13.21 -13.57 3.51
C THR B 68 -12.11 -12.88 4.33
N VAL B 69 -12.47 -12.37 5.51
CA VAL B 69 -11.48 -11.79 6.42
C VAL B 69 -11.05 -12.81 7.47
N ARG B 70 -9.74 -12.96 7.67
CA ARG B 70 -9.23 -13.81 8.75
C ARG B 70 -8.15 -13.11 9.55
N LYS B 71 -7.87 -13.63 10.74
CA LYS B 71 -6.69 -13.23 11.48
C LYS B 71 -5.66 -14.31 11.26
N ARG B 72 -4.40 -13.95 11.09
CA ARG B 72 -3.38 -14.94 10.95
C ARG B 72 -2.81 -15.10 12.33
N ASN B 73 -1.99 -16.10 12.55
CA ASN B 73 -1.52 -16.38 13.90
C ASN B 73 -0.26 -15.58 14.20
N ASP B 74 0.29 -14.94 13.17
CA ASP B 74 1.51 -14.16 13.35
C ASP B 74 1.28 -12.66 13.62
N GLY B 75 0.02 -12.24 13.73
CA GLY B 75 -0.29 -10.86 14.04
C GLY B 75 -0.80 -10.06 12.84
N MET B 76 -0.90 -10.73 11.70
CA MET B 76 -1.41 -10.13 10.47
C MET B 76 -2.86 -10.50 10.26
N SER B 77 -3.56 -9.71 9.45
CA SER B 77 -4.87 -10.12 8.94
C SER B 77 -4.90 -10.01 7.42
N GLU B 78 -5.63 -10.91 6.80
CA GLU B 78 -5.83 -10.93 5.36
C GLU B 78 -7.31 -10.80 5.03
N PHE B 79 -7.61 -9.99 4.01
CA PHE B 79 -8.91 -10.04 3.36
C PHE B 79 -8.71 -10.72 2.01
N CYS B 80 -9.53 -11.71 1.67
CA CYS B 80 -9.26 -12.44 0.44
C CYS B 80 -10.47 -12.89 -0.37
N VAL B 81 -10.42 -12.63 -1.67
CA VAL B 81 -11.49 -13.01 -2.58
C VAL B 81 -10.98 -14.12 -3.47
N VAL B 82 -11.45 -15.33 -3.23
CA VAL B 82 -11.03 -16.45 -4.05
C VAL B 82 -12.11 -16.79 -5.08
N GLY B 83 -11.66 -17.12 -6.30
CA GLY B 83 -12.50 -17.80 -7.27
C GLY B 83 -13.15 -16.95 -8.34
N GLY B 84 -13.45 -17.58 -9.48
CA GLY B 84 -13.85 -16.88 -10.69
C GLY B 84 -15.05 -15.95 -10.64
N THR B 85 -16.20 -16.48 -10.22
CA THR B 85 -17.45 -15.72 -10.28
C THR B 85 -17.45 -14.45 -9.43
N SER B 86 -16.85 -14.49 -8.24
CA SER B 86 -16.81 -13.31 -7.39
C SER B 86 -15.57 -12.43 -7.62
N LEU B 87 -14.45 -13.04 -8.03
CA LEU B 87 -13.21 -12.27 -8.18
C LEU B 87 -13.29 -11.46 -9.45
N GLN B 88 -13.97 -12.02 -10.44
CA GLN B 88 -14.14 -11.34 -11.70
C GLN B 88 -14.88 -10.04 -11.45
N THR B 89 -15.97 -10.13 -10.72
CA THR B 89 -16.78 -8.96 -10.37
C THR B 89 -15.96 -7.87 -9.64
N THR B 90 -15.02 -8.27 -8.80
CA THR B 90 -14.23 -7.31 -8.05
C THR B 90 -13.19 -6.61 -8.95
N LEU B 91 -12.64 -7.35 -9.90
CA LEU B 91 -11.58 -6.80 -10.74
C LEU B 91 -12.08 -5.73 -11.69
N GLU B 92 -13.27 -5.95 -12.25
CA GLU B 92 -13.89 -4.98 -13.17
C GLU B 92 -14.26 -3.68 -12.46
N LYS B 93 -14.32 -3.73 -11.14
CA LYS B 93 -14.60 -2.53 -10.39
C LYS B 93 -13.31 -1.78 -10.10
N LEU B 94 -12.20 -2.52 -10.03
CA LEU B 94 -10.90 -1.91 -9.74
C LEU B 94 -10.10 -1.54 -10.98
N LEU B 95 -10.25 -2.36 -12.02
CA LEU B 95 -9.48 -2.28 -13.27
C LEU B 95 -9.24 -0.88 -13.81
N PRO B 96 -10.30 -0.07 -14.00
CA PRO B 96 -10.07 1.30 -14.51
C PRO B 96 -9.13 2.14 -13.64
N TYR B 97 -8.95 1.79 -12.37
CA TYR B 97 -8.13 2.62 -11.48
C TYR B 97 -6.81 1.97 -11.11
N LEU B 98 -6.73 0.64 -11.23
CA LEU B 98 -5.47 -0.01 -10.92
C LEU B 98 -4.35 0.53 -11.84
N GLN B 99 -3.18 0.76 -11.27
CA GLN B 99 -2.04 1.23 -12.06
C GLN B 99 -0.92 0.21 -12.02
N LEU B 100 -0.39 -0.05 -10.84
CA LEU B 100 0.75 -0.96 -10.71
C LEU B 100 0.40 -2.42 -10.99
N LYS B 101 -0.87 -2.79 -10.80
CA LYS B 101 -1.24 -4.21 -10.90
C LYS B 101 -2.34 -4.52 -11.92
N ARG B 102 -2.47 -3.70 -12.96
CA ARG B 102 -3.50 -3.93 -13.97
C ARG B 102 -3.14 -5.13 -14.86
N ALA B 103 -1.87 -5.52 -14.87
CA ALA B 103 -1.42 -6.66 -15.67
C ALA B 103 -1.82 -7.98 -15.00
N GLN B 104 -1.50 -8.09 -13.71
CA GLN B 104 -1.90 -9.24 -12.92
C GLN B 104 -3.41 -9.40 -12.98
N ALA B 105 -4.10 -8.27 -13.00
CA ALA B 105 -5.56 -8.28 -13.04
C ALA B 105 -6.02 -8.81 -14.36
N LYS B 106 -5.54 -8.21 -15.43
CA LYS B 106 -6.04 -8.49 -16.76
C LYS B 106 -5.76 -9.93 -17.15
N LEU B 107 -4.60 -10.45 -16.75
CA LEU B 107 -4.28 -11.85 -17.02
C LEU B 107 -5.26 -12.77 -16.29
N VAL B 108 -5.43 -12.51 -14.99
CA VAL B 108 -6.33 -13.28 -14.14
C VAL B 108 -7.78 -13.25 -14.66
N LEU B 109 -8.22 -12.15 -15.25
CA LEU B 109 -9.57 -12.11 -15.78
C LEU B 109 -9.74 -13.16 -16.87
N GLN B 110 -8.69 -13.36 -17.65
CA GLN B 110 -8.78 -14.32 -18.73
C GLN B 110 -8.40 -15.73 -18.32
N ILE B 111 -7.88 -15.89 -17.10
CA ILE B 111 -7.86 -17.21 -16.51
C ILE B 111 -9.29 -17.57 -16.11
N ILE B 112 -10.04 -16.58 -15.65
CA ILE B 112 -11.40 -16.84 -15.19
C ILE B 112 -12.24 -17.26 -16.40
N LYS B 113 -11.89 -16.68 -17.54
CA LYS B 113 -12.56 -16.99 -18.80
C LYS B 113 -12.70 -18.52 -19.00
N LYS B 114 -11.59 -19.22 -18.76
CA LYS B 114 -11.48 -20.63 -19.07
C LYS B 114 -11.78 -21.59 -17.91
N LEU B 115 -11.88 -21.08 -16.69
CA LEU B 115 -12.09 -21.93 -15.51
C LEU B 115 -13.37 -22.80 -15.58
N PRO B 116 -14.47 -22.25 -16.12
CA PRO B 116 -15.62 -23.16 -16.30
C PRO B 116 -15.34 -24.38 -17.22
N ASN B 117 -14.32 -24.29 -18.08
CA ASN B 117 -14.01 -25.41 -18.97
C ASN B 117 -12.77 -26.23 -18.60
N THR B 118 -12.32 -26.17 -17.34
CA THR B 118 -11.01 -26.77 -17.01
C THR B 118 -11.02 -28.30 -16.80
N LYS B 119 -12.14 -28.96 -17.08
CA LYS B 119 -12.16 -30.41 -17.07
C LYS B 119 -11.36 -30.94 -18.27
N ASP B 120 -11.46 -30.22 -19.39
CA ASP B 120 -10.60 -30.42 -20.55
C ASP B 120 -9.12 -30.23 -20.17
N PRO B 121 -8.30 -31.27 -20.30
CA PRO B 121 -6.86 -31.25 -20.00
C PRO B 121 -6.05 -30.21 -20.79
N SER B 122 -6.53 -29.76 -21.94
CA SER B 122 -5.78 -28.75 -22.68
C SER B 122 -6.30 -27.35 -22.36
N VAL B 123 -7.54 -27.28 -21.85
CA VAL B 123 -8.02 -26.00 -21.35
C VAL B 123 -7.35 -25.72 -20.01
N LEU B 124 -7.27 -26.75 -19.17
CA LEU B 124 -6.56 -26.61 -17.90
C LEU B 124 -5.12 -26.18 -18.16
N MET B 125 -4.59 -26.68 -19.27
CA MET B 125 -3.21 -26.44 -19.64
C MET B 125 -2.93 -25.01 -20.06
N GLU B 126 -3.82 -24.39 -20.83
CA GLU B 126 -3.62 -22.99 -21.15
C GLU B 126 -3.83 -22.13 -19.90
N ALA B 127 -4.68 -22.58 -18.98
CA ALA B 127 -4.90 -21.85 -17.74
C ALA B 127 -3.62 -21.82 -16.90
N ALA B 128 -3.01 -22.99 -16.74
CA ALA B 128 -1.78 -23.07 -15.95
C ALA B 128 -0.65 -22.22 -16.55
N LEU B 129 -0.49 -22.26 -17.88
CA LEU B 129 0.50 -21.42 -18.55
C LEU B 129 0.30 -19.94 -18.22
N LEU B 130 -0.96 -19.52 -18.18
CA LEU B 130 -1.29 -18.16 -17.82
C LEU B 130 -0.97 -17.88 -16.35
N ALA B 131 -1.02 -18.90 -15.50
CA ALA B 131 -0.71 -18.73 -14.09
C ALA B 131 0.76 -18.40 -13.86
N ASP B 132 1.59 -18.83 -14.80
CA ASP B 132 3.03 -18.64 -14.71
C ASP B 132 3.40 -17.23 -15.07
N LYS B 133 2.63 -16.70 -15.97
CA LYS B 133 2.89 -15.39 -16.45
C LYS B 133 2.58 -14.40 -15.40
N VAL B 134 1.53 -14.66 -14.61
CA VAL B 134 1.19 -13.87 -13.45
C VAL B 134 2.32 -13.99 -12.43
N GLY B 135 2.85 -15.16 -12.26
CA GLY B 135 3.89 -15.31 -11.28
C GLY B 135 5.20 -14.62 -11.59
N LEU B 136 5.37 -14.18 -12.82
CA LEU B 136 6.59 -13.50 -13.18
C LEU B 136 6.41 -12.04 -12.84
N LEU B 137 5.19 -11.55 -12.91
CA LEU B 137 4.87 -10.22 -12.47
C LEU B 137 4.76 -10.09 -10.95
N THR B 138 5.13 -11.13 -10.23
CA THR B 138 5.15 -11.07 -8.79
C THR B 138 6.51 -11.37 -8.14
N ASP B 139 6.89 -10.53 -7.19
CA ASP B 139 8.16 -10.65 -6.50
C ASP B 139 7.75 -11.77 -5.55
N GLY B 140 7.77 -13.01 -6.07
CA GLY B 140 7.40 -14.16 -5.28
C GLY B 140 8.63 -14.71 -5.98
N LYS B 141 9.45 -15.44 -5.24
CA LYS B 141 10.67 -16.00 -5.79
C LYS B 141 10.30 -17.15 -4.88
N LYS B 142 9.01 -17.49 -4.90
CA LYS B 142 8.43 -18.50 -4.00
C LYS B 142 7.90 -19.81 -4.58
N ARG B 143 7.66 -19.87 -5.88
CA ARG B 143 6.86 -20.93 -6.53
C ARG B 143 7.58 -22.23 -6.94
N THR B 144 7.16 -23.37 -6.43
CA THR B 144 7.79 -24.65 -6.76
C THR B 144 7.04 -25.37 -7.85
N ILE B 145 5.76 -25.05 -7.94
CA ILE B 145 4.82 -25.69 -8.83
C ILE B 145 4.41 -24.92 -10.07
N LEU B 146 4.84 -25.38 -11.22
CA LEU B 146 4.69 -24.63 -12.44
C LEU B 146 3.94 -25.41 -13.49
N ALA B 147 3.64 -24.77 -14.60
CA ALA B 147 2.85 -25.43 -15.64
C ALA B 147 3.50 -26.71 -16.10
N GLU B 148 4.82 -26.67 -16.26
CA GLU B 148 5.60 -27.83 -16.70
C GLU B 148 5.33 -29.07 -15.83
N ASN B 149 5.03 -28.87 -14.55
CA ASN B 149 4.64 -29.96 -13.66
C ASN B 149 3.27 -30.52 -14.03
N VAL B 150 2.32 -29.63 -14.20
CA VAL B 150 0.97 -29.98 -14.60
C VAL B 150 0.96 -30.76 -15.92
N ARG B 151 1.74 -30.29 -16.88
CA ARG B 151 1.66 -30.80 -18.24
C ARG B 151 2.13 -32.26 -18.35
N GLU B 152 3.18 -32.64 -17.63
CA GLU B 152 3.72 -33.96 -17.87
C GLU B 152 3.08 -34.99 -16.94
N CYS B 153 2.55 -34.54 -15.81
CA CYS B 153 1.72 -35.38 -14.97
C CYS B 153 0.38 -35.57 -15.67
N LEU B 154 0.01 -34.59 -16.51
CA LEU B 154 -1.16 -34.74 -17.37
C LEU B 154 -0.89 -35.81 -18.39
N LYS B 155 0.32 -35.76 -18.95
CA LYS B 155 0.76 -36.71 -19.94
C LYS B 155 0.73 -38.11 -19.35
N LYS B 156 1.16 -38.24 -18.10
CA LYS B 156 1.16 -39.52 -17.42
C LYS B 156 -0.24 -40.08 -17.18
N LEU B 157 -1.24 -39.21 -17.08
CA LEU B 157 -2.61 -39.69 -16.87
C LEU B 157 -3.24 -40.13 -18.19
N GLY B 158 -2.43 -40.15 -19.24
CA GLY B 158 -2.87 -40.68 -20.52
C GLY B 158 -3.46 -39.61 -21.41
N HIS B 159 -3.66 -38.42 -20.86
CA HIS B 159 -4.23 -37.31 -21.61
C HIS B 159 -3.25 -36.71 -22.60
N VAL B 160 -3.79 -36.06 -23.62
CA VAL B 160 -3.01 -35.51 -24.72
C VAL B 160 -3.24 -34.01 -24.83
N VAL B 161 -2.30 -33.23 -24.32
CA VAL B 161 -2.40 -31.78 -24.39
C VAL B 161 -1.72 -31.17 -25.61
N SER B 162 -0.46 -31.54 -25.82
CA SER B 162 0.37 -31.03 -26.92
C SER B 162 1.74 -31.71 -26.94
MG MG E . 3.96 -2.63 -1.83
MG MG F . 1.66 -1.07 4.63
#